data_8EPV
#
_entry.id   8EPV
#
_cell.length_a   85.871
_cell.length_b   85.871
_cell.length_c   40.056
_cell.angle_alpha   90.000
_cell.angle_beta   90.000
_cell.angle_gamma   90.000
#
_symmetry.space_group_name_H-M   'P 43 21 2'
#
loop_
_entity.id
_entity.type
_entity.pdbx_description
1 polymer 'Fel d 7 allergen'
2 non-polymer 'ACETATE ION'
3 non-polymer 1,2-ETHANEDIOL
4 non-polymer 'ZINC ION'
5 water water
#
_entity_poly.entity_id   1
_entity_poly.type   'polypeptide(L)'
_entity_poly.pdbx_seq_one_letter_code
;SAAADTMAMSGKWYLKAMITDRETSWKKPELVTPMTLTVLEGGNLKAETTLLTNGQCKEVELILEKTSEPKKYTTYGGKR
VVYIEPTEVKDHYIFYCEGEMQGEQARMAKLVGRDPESNEEALENFREFLRAKGFNQEIFSPKQSDTCPPGTDQEPEV
;
_entity_poly.pdbx_strand_id   A
#
loop_
_chem_comp.id
_chem_comp.type
_chem_comp.name
_chem_comp.formula
ACT non-polymer 'ACETATE ION' 'C2 H3 O2 -1'
EDO non-polymer 1,2-ETHANEDIOL 'C2 H6 O2'
ZN non-polymer 'ZINC ION' 'Zn 2'
#
# COMPACT_ATOMS: atom_id res chain seq x y z
N ASP A 5 5.36 -8.96 -14.18
CA ASP A 5 5.17 -10.30 -13.63
C ASP A 5 4.88 -10.19 -12.15
N THR A 6 4.38 -11.27 -11.57
CA THR A 6 4.07 -11.27 -10.16
C THR A 6 5.33 -11.32 -9.30
N MET A 7 6.30 -12.15 -9.71
CA MET A 7 7.51 -12.32 -8.91
C MET A 7 8.28 -11.01 -8.76
N ALA A 8 8.20 -10.12 -9.78
CA ALA A 8 8.90 -8.85 -9.72
C ALA A 8 8.55 -8.05 -8.49
N MET A 9 7.30 -8.14 -8.04
CA MET A 9 6.80 -7.36 -6.93
C MET A 9 7.26 -7.87 -5.58
N SER A 10 7.79 -9.08 -5.50
CA SER A 10 8.17 -9.66 -4.22
C SER A 10 9.28 -8.86 -3.57
N GLY A 11 9.47 -9.10 -2.28
CA GLY A 11 10.53 -8.45 -1.52
C GLY A 11 10.05 -7.29 -0.67
N LYS A 12 11.02 -6.44 -0.30
CA LYS A 12 10.82 -5.39 0.68
C LYS A 12 10.32 -4.10 0.04
N TRP A 13 9.43 -3.42 0.76
CA TRP A 13 8.88 -2.15 0.32
C TRP A 13 8.74 -1.24 1.53
N TYR A 14 8.58 0.04 1.25
CA TYR A 14 8.37 1.06 2.26
C TYR A 14 7.04 1.77 2.00
N LEU A 15 6.26 1.95 3.06
CA LEU A 15 4.98 2.67 2.98
C LEU A 15 5.28 4.16 3.12
N LYS A 16 5.18 4.91 2.01
CA LYS A 16 5.73 6.25 1.95
C LYS A 16 4.68 7.36 2.10
N ALA A 17 3.44 7.12 1.70
CA ALA A 17 2.39 8.12 1.83
C ALA A 17 1.05 7.41 1.83
N MET A 18 0.09 7.97 2.59
CA MET A 18 -1.23 7.39 2.77
C MET A 18 -2.30 8.48 2.77
N ILE A 19 -3.51 8.10 2.36
CA ILE A 19 -4.67 8.97 2.46
C ILE A 19 -5.91 8.10 2.48
N THR A 20 -6.96 8.61 3.14
CA THR A 20 -8.27 7.97 3.18
C THR A 20 -9.32 9.00 2.79
N ASP A 21 -10.39 8.52 2.14
CA ASP A 21 -11.47 9.41 1.74
C ASP A 21 -12.29 9.86 2.93
N ARG A 22 -12.38 9.04 3.98
CA ARG A 22 -13.14 9.36 5.18
C ARG A 22 -12.25 9.27 6.42
N LYS A 27 -7.11 6.41 12.81
CA LYS A 27 -5.99 5.65 13.35
C LYS A 27 -4.72 5.89 12.53
N LYS A 28 -4.23 7.13 12.57
CA LYS A 28 -3.02 7.47 11.83
C LYS A 28 -1.82 6.80 12.47
N PRO A 29 -1.05 5.97 11.76
CA PRO A 29 0.13 5.34 12.39
C PRO A 29 1.19 6.37 12.75
N GLU A 30 1.69 6.30 13.97
CA GLU A 30 2.82 7.12 14.37
C GLU A 30 4.15 6.59 13.85
N LEU A 31 4.16 5.40 13.28
CA LEU A 31 5.39 4.77 12.81
C LEU A 31 5.02 3.51 12.03
N VAL A 32 5.80 3.21 10.98
CA VAL A 32 5.58 2.03 10.15
C VAL A 32 6.91 1.37 9.83
N THR A 33 6.92 0.05 9.84
CA THR A 33 8.09 -0.74 9.44
C THR A 33 8.04 -1.00 7.95
N PRO A 34 9.11 -1.54 7.36
CA PRO A 34 9.03 -1.91 5.95
C PRO A 34 7.97 -2.97 5.73
N MET A 35 7.48 -3.06 4.50
CA MET A 35 6.48 -4.05 4.11
C MET A 35 7.17 -5.14 3.28
N THR A 36 6.85 -6.39 3.57
CA THR A 36 7.32 -7.48 2.74
C THR A 36 6.16 -8.08 1.95
N LEU A 37 6.37 -8.22 0.65
CA LEU A 37 5.42 -8.90 -0.20
C LEU A 37 6.01 -10.25 -0.61
N THR A 38 5.27 -11.32 -0.33
CA THR A 38 5.65 -12.67 -0.70
C THR A 38 4.64 -13.19 -1.71
N VAL A 39 5.15 -13.74 -2.82
CA VAL A 39 4.30 -14.31 -3.86
C VAL A 39 3.99 -15.75 -3.49
N LEU A 40 2.72 -16.03 -3.22
CA LEU A 40 2.28 -17.37 -2.86
C LEU A 40 1.89 -18.13 -4.12
N GLU A 41 1.51 -19.39 -3.93
CA GLU A 41 1.11 -20.23 -5.07
C GLU A 41 -0.12 -19.64 -5.73
N GLY A 42 -0.20 -19.76 -7.04
CA GLY A 42 -1.33 -19.24 -7.80
C GLY A 42 -1.33 -17.75 -8.04
N GLY A 43 -0.23 -17.04 -7.78
CA GLY A 43 -0.16 -15.61 -7.99
C GLY A 43 -0.68 -14.78 -6.85
N ASN A 44 -1.19 -15.41 -5.79
CA ASN A 44 -1.65 -14.66 -4.64
C ASN A 44 -0.44 -14.08 -3.89
N LEU A 45 -0.73 -13.04 -3.10
CA LEU A 45 0.29 -12.24 -2.43
C LEU A 45 0.02 -12.21 -0.93
N LYS A 46 1.11 -12.18 -0.15
CA LYS A 46 1.05 -11.97 1.29
C LYS A 46 1.78 -10.68 1.61
N ALA A 47 1.11 -9.79 2.32
CA ALA A 47 1.66 -8.50 2.71
C ALA A 47 1.78 -8.46 4.23
N GLU A 48 3.01 -8.23 4.72
CA GLU A 48 3.33 -8.18 6.14
C GLU A 48 3.94 -6.83 6.45
N THR A 49 3.49 -6.19 7.52
CA THR A 49 4.07 -4.93 7.99
C THR A 49 3.65 -4.76 9.46
N THR A 50 4.32 -3.84 10.15
CA THR A 50 4.00 -3.52 11.53
C THR A 50 3.79 -2.03 11.68
N LEU A 51 2.78 -1.66 12.45
CA LEU A 51 2.37 -0.27 12.60
C LEU A 51 2.27 0.08 14.08
N LEU A 52 2.80 1.24 14.44
CA LEU A 52 2.70 1.76 15.81
C LEU A 52 1.57 2.78 15.83
N THR A 53 0.44 2.36 16.40
CA THR A 53 -0.72 3.22 16.63
C THR A 53 -1.06 3.18 18.11
N ASN A 54 -1.31 4.35 18.71
CA ASN A 54 -1.65 4.47 20.12
C ASN A 54 -0.61 3.79 21.00
N GLY A 55 0.67 4.01 20.66
CA GLY A 55 1.78 3.48 21.43
C GLY A 55 1.97 1.98 21.34
N GLN A 56 1.16 1.27 20.56
CA GLN A 56 1.16 -0.18 20.48
C GLN A 56 1.62 -0.63 19.09
N CYS A 57 2.58 -1.55 19.05
CA CYS A 57 3.05 -2.14 17.80
C CYS A 57 2.04 -3.22 17.37
N LYS A 58 1.34 -2.98 16.26
CA LYS A 58 0.34 -3.92 15.78
C LYS A 58 0.80 -4.52 14.49
N GLU A 59 0.95 -5.84 14.47
CA GLU A 59 1.31 -6.52 13.24
C GLU A 59 0.10 -6.62 12.31
N VAL A 60 0.37 -6.53 11.02
CA VAL A 60 -0.66 -6.57 9.98
C VAL A 60 -0.22 -7.57 8.93
N GLU A 61 -1.02 -8.61 8.72
CA GLU A 61 -0.72 -9.64 7.74
C GLU A 61 -1.96 -9.84 6.89
N LEU A 62 -1.82 -9.60 5.59
CA LEU A 62 -2.92 -9.63 4.64
C LEU A 62 -2.59 -10.59 3.51
N ILE A 63 -3.60 -11.35 3.09
CA ILE A 63 -3.52 -12.19 1.90
C ILE A 63 -4.36 -11.55 0.81
N LEU A 64 -3.71 -11.19 -0.29
CA LEU A 64 -4.37 -10.60 -1.45
C LEU A 64 -4.57 -11.69 -2.48
N GLU A 65 -5.81 -12.00 -2.77
CA GLU A 65 -6.17 -13.14 -3.62
C GLU A 65 -6.35 -12.66 -5.05
N LYS A 66 -5.58 -13.25 -5.97
CA LYS A 66 -5.67 -12.89 -7.37
C LYS A 66 -7.08 -13.16 -7.91
N THR A 67 -7.53 -12.32 -8.81
CA THR A 67 -8.83 -12.42 -9.47
C THR A 67 -8.63 -12.61 -10.97
N SER A 68 -9.76 -12.65 -11.69
CA SER A 68 -9.72 -12.72 -13.14
C SER A 68 -9.23 -11.43 -13.79
N GLU A 69 -9.26 -10.31 -13.07
CA GLU A 69 -8.79 -9.03 -13.58
C GLU A 69 -7.36 -8.79 -13.15
N PRO A 70 -6.39 -8.61 -14.05
CA PRO A 70 -5.02 -8.35 -13.61
C PRO A 70 -4.93 -7.08 -12.78
N LYS A 71 -3.97 -7.07 -11.85
CA LYS A 71 -3.68 -5.97 -10.94
C LYS A 71 -4.78 -5.75 -9.90
N LYS A 72 -5.77 -6.65 -9.85
CA LYS A 72 -6.90 -6.54 -8.94
C LYS A 72 -6.91 -7.76 -8.03
N TYR A 73 -7.10 -7.52 -6.73
CA TYR A 73 -7.05 -8.55 -5.72
C TYR A 73 -8.18 -8.32 -4.73
N THR A 74 -8.48 -9.36 -3.95
CA THR A 74 -9.46 -9.29 -2.88
C THR A 74 -8.82 -9.78 -1.59
N THR A 75 -9.23 -9.20 -0.47
CA THR A 75 -8.70 -9.53 0.83
C THR A 75 -9.84 -9.44 1.86
N TYR A 76 -9.53 -9.88 3.09
CA TYR A 76 -10.51 -9.98 4.17
C TYR A 76 -11.73 -10.79 3.73
N GLY A 77 -11.47 -11.90 3.05
CA GLY A 77 -12.54 -12.78 2.62
C GLY A 77 -13.52 -12.11 1.68
N GLY A 78 -13.02 -11.34 0.72
CA GLY A 78 -13.87 -10.63 -0.21
C GLY A 78 -14.47 -9.35 0.31
N LYS A 79 -14.17 -8.97 1.56
CA LYS A 79 -14.71 -7.73 2.10
C LYS A 79 -14.07 -6.50 1.50
N ARG A 80 -12.84 -6.61 0.99
CA ARG A 80 -12.09 -5.50 0.41
C ARG A 80 -11.54 -5.91 -0.94
N VAL A 81 -11.43 -4.92 -1.84
CA VAL A 81 -10.74 -5.09 -3.11
C VAL A 81 -9.54 -4.16 -3.12
N VAL A 82 -8.43 -4.64 -3.65
CA VAL A 82 -7.17 -3.90 -3.68
C VAL A 82 -6.70 -3.86 -5.13
N TYR A 83 -6.45 -2.66 -5.62
CA TYR A 83 -5.85 -2.45 -6.93
C TYR A 83 -4.40 -2.02 -6.75
N ILE A 84 -3.54 -2.47 -7.66
CA ILE A 84 -2.12 -2.12 -7.67
C ILE A 84 -1.85 -1.45 -9.02
N GLU A 85 -1.40 -0.19 -8.98
CA GLU A 85 -1.15 0.60 -10.17
C GLU A 85 0.30 1.07 -10.20
N PRO A 86 0.97 1.02 -11.35
CA PRO A 86 2.34 1.52 -11.42
C PRO A 86 2.37 3.04 -11.45
N THR A 87 3.58 3.57 -11.36
CA THR A 87 3.87 4.99 -11.54
C THR A 87 4.90 5.11 -12.67
N GLU A 88 5.41 6.33 -12.87
CA GLU A 88 6.41 6.58 -13.90
C GLU A 88 7.82 6.19 -13.48
N VAL A 89 8.04 5.83 -12.21
CA VAL A 89 9.32 5.30 -11.74
C VAL A 89 9.14 3.83 -11.41
N LYS A 90 10.11 3.01 -11.83
CA LYS A 90 9.94 1.56 -11.85
C LYS A 90 9.83 0.94 -10.46
N ASP A 91 10.20 1.65 -9.41
CA ASP A 91 10.29 1.08 -8.08
C ASP A 91 9.28 1.67 -7.11
N HIS A 92 8.22 2.33 -7.62
CA HIS A 92 7.12 2.85 -6.81
C HIS A 92 5.78 2.44 -7.44
N TYR A 93 4.84 2.03 -6.59
CA TYR A 93 3.52 1.57 -7.01
C TYR A 93 2.45 2.17 -6.11
N ILE A 94 1.23 2.25 -6.63
CA ILE A 94 0.08 2.78 -5.91
C ILE A 94 -0.86 1.61 -5.57
N PHE A 95 -1.19 1.51 -4.28
CA PHE A 95 -2.19 0.57 -3.81
C PHE A 95 -3.47 1.35 -3.52
N TYR A 96 -4.57 0.92 -4.13
CA TYR A 96 -5.88 1.53 -3.93
C TYR A 96 -6.79 0.46 -3.34
N CYS A 97 -7.33 0.75 -2.15
CA CYS A 97 -8.16 -0.17 -1.39
C CYS A 97 -9.58 0.37 -1.25
N GLU A 98 -10.56 -0.50 -1.44
CA GLU A 98 -11.97 -0.10 -1.45
C GLU A 98 -12.80 -1.24 -0.90
N GLY A 99 -13.72 -0.93 0.01
CA GLY A 99 -14.67 -1.89 0.52
C GLY A 99 -14.83 -1.73 2.02
N GLU A 100 -15.51 -2.69 2.63
CA GLU A 100 -15.77 -2.67 4.06
C GLU A 100 -14.57 -3.21 4.84
N GLN A 105 -16.92 0.53 5.12
CA GLN A 105 -17.01 1.00 3.73
C GLN A 105 -16.24 2.30 3.54
N ALA A 106 -14.93 2.17 3.32
CA ALA A 106 -14.03 3.32 3.18
C ALA A 106 -13.09 3.06 2.00
N ARG A 107 -12.37 4.12 1.62
CA ARG A 107 -11.37 4.06 0.57
C ARG A 107 -10.03 4.55 1.11
N MET A 108 -8.97 3.98 0.57
CA MET A 108 -7.62 4.29 1.03
C MET A 108 -6.67 4.16 -0.16
N ALA A 109 -5.69 5.07 -0.23
CA ALA A 109 -4.62 5.01 -1.22
C ALA A 109 -3.28 5.09 -0.50
N LYS A 110 -2.32 4.28 -0.98
CA LYS A 110 -0.98 4.21 -0.41
C LYS A 110 0.05 4.28 -1.53
N LEU A 111 1.08 5.07 -1.32
CA LEU A 111 2.27 5.06 -2.17
C LEU A 111 3.28 4.16 -1.49
N VAL A 112 3.77 3.16 -2.22
CA VAL A 112 4.81 2.27 -1.72
C VAL A 112 6.01 2.36 -2.66
N GLY A 113 7.21 2.34 -2.09
CA GLY A 113 8.43 2.37 -2.86
C GLY A 113 9.49 1.47 -2.26
N ARG A 114 10.47 1.13 -3.11
CA ARG A 114 11.55 0.24 -2.71
C ARG A 114 12.56 0.88 -1.80
N ASP A 115 12.56 2.20 -1.67
CA ASP A 115 13.42 2.95 -0.76
C ASP A 115 12.55 3.93 0.02
N PRO A 116 13.02 4.38 1.18
CA PRO A 116 12.23 5.35 1.96
C PRO A 116 12.51 6.82 1.66
N GLU A 117 13.38 7.11 0.68
CA GLU A 117 13.75 8.50 0.42
C GLU A 117 12.61 9.23 -0.29
N SER A 118 12.55 10.55 -0.08
CA SER A 118 11.53 11.36 -0.74
C SER A 118 11.70 11.26 -2.25
N ASN A 119 10.58 11.09 -2.96
CA ASN A 119 10.57 10.92 -4.40
C ASN A 119 9.51 11.85 -4.99
N GLU A 120 9.96 12.92 -5.63
CA GLU A 120 9.03 13.92 -6.15
C GLU A 120 8.15 13.33 -7.26
N GLU A 121 8.76 12.63 -8.21
CA GLU A 121 8.01 12.23 -9.40
C GLU A 121 7.01 11.12 -9.10
N ALA A 122 7.36 10.18 -8.21
CA ALA A 122 6.36 9.24 -7.72
C ALA A 122 5.26 9.97 -6.94
N LEU A 123 5.62 11.01 -6.21
CA LEU A 123 4.61 11.76 -5.47
C LEU A 123 3.69 12.51 -6.41
N GLU A 124 4.24 13.05 -7.51
CA GLU A 124 3.43 13.72 -8.51
C GLU A 124 2.42 12.75 -9.12
N ASN A 125 2.85 11.53 -9.42
CA ASN A 125 1.92 10.53 -9.96
C ASN A 125 0.87 10.15 -8.92
N PHE A 126 1.27 10.08 -7.64
CA PHE A 126 0.32 9.75 -6.58
C PHE A 126 -0.77 10.81 -6.47
N ARG A 127 -0.37 12.09 -6.47
CA ARG A 127 -1.35 13.17 -6.39
C ARG A 127 -2.27 13.18 -7.60
N GLU A 128 -1.74 12.90 -8.79
CA GLU A 128 -2.59 12.78 -9.97
C GLU A 128 -3.59 11.63 -9.81
N PHE A 129 -3.12 10.50 -9.25
CA PHE A 129 -4.03 9.38 -8.99
C PHE A 129 -5.12 9.78 -8.03
N LEU A 130 -4.76 10.48 -6.94
CA LEU A 130 -5.74 10.91 -5.95
C LEU A 130 -6.81 11.79 -6.58
N ARG A 131 -6.40 12.72 -7.46
CA ARG A 131 -7.37 13.61 -8.11
C ARG A 131 -8.34 12.83 -8.97
N ALA A 132 -7.83 11.89 -9.77
CA ALA A 132 -8.69 11.10 -10.65
C ALA A 132 -9.70 10.27 -9.86
N LYS A 133 -9.37 9.89 -8.62
CA LYS A 133 -10.24 9.10 -7.75
C LYS A 133 -10.98 9.94 -6.72
N GLY A 134 -10.81 11.26 -6.72
CA GLY A 134 -11.58 12.13 -5.85
C GLY A 134 -11.19 12.15 -4.39
N PHE A 135 -9.95 11.79 -4.06
CA PHE A 135 -9.44 12.06 -2.73
C PHE A 135 -9.09 13.53 -2.58
N ASN A 136 -8.85 13.96 -1.35
CA ASN A 136 -8.25 15.26 -1.09
C ASN A 136 -6.73 15.16 -1.25
N GLN A 137 -6.04 16.27 -1.05
CA GLN A 137 -4.57 16.32 -1.15
C GLN A 137 -3.88 16.37 0.21
N GLU A 138 -4.61 16.22 1.31
CA GLU A 138 -4.01 16.23 2.65
C GLU A 138 -3.40 14.84 2.89
N ILE A 139 -2.20 14.65 2.34
CA ILE A 139 -1.53 13.35 2.39
C ILE A 139 -0.76 13.23 3.70
N PHE A 140 -0.77 12.03 4.27
CA PHE A 140 -0.04 11.70 5.48
C PHE A 140 1.16 10.82 5.15
N SER A 141 2.32 11.16 5.70
CA SER A 141 3.57 10.44 5.49
C SER A 141 4.00 9.83 6.81
N PRO A 142 3.84 8.52 7.02
CA PRO A 142 4.26 7.94 8.31
C PRO A 142 5.76 8.05 8.51
N LYS A 143 6.15 8.15 9.77
CA LYS A 143 7.57 8.07 10.11
C LYS A 143 8.06 6.65 9.87
N GLN A 144 9.27 6.50 9.31
CA GLN A 144 9.86 5.20 8.94
C GLN A 144 10.77 4.71 10.07
N SER A 145 10.93 3.40 10.20
CA SER A 145 11.78 2.81 11.23
C SER A 145 12.01 1.35 10.90
N ASP A 146 13.25 0.89 11.09
CA ASP A 146 13.58 -0.50 10.77
C ASP A 146 12.92 -1.48 11.74
N THR A 147 12.74 -1.06 13.00
CA THR A 147 12.16 -1.91 14.03
C THR A 147 11.11 -1.14 14.80
N CYS A 148 10.15 -1.87 15.36
CA CYS A 148 9.04 -1.28 16.09
C CYS A 148 9.29 -1.37 17.60
C ACT B . 11.98 18.79 -10.30
O ACT B . 11.41 19.75 -9.78
OXT ACT B . 11.53 18.22 -11.31
CH3 ACT B . 13.05 18.07 -9.51
H1 ACT B . 13.18 17.18 -9.87
H2 ACT B . 12.76 17.97 -8.59
H3 ACT B . 13.89 18.56 -9.53
C1 EDO C . -12.21 2.45 -8.82
O1 EDO C . -10.83 2.21 -9.12
C2 EDO C . -12.45 3.95 -8.67
O2 EDO C . -12.58 4.56 -9.96
H11 EDO C . -12.84 2.06 -9.63
H12 EDO C . -12.49 1.94 -7.90
HO1 EDO C . -10.68 1.27 -9.22
H21 EDO C . -13.36 4.12 -8.10
H22 EDO C . -11.62 4.41 -8.13
HO2 EDO C . -12.72 5.51 -9.86
ZN ZN D . 6.59 14.59 -13.05
ZN ZN E . 14.85 3.82 -5.71
ZN ZN F . 8.74 17.13 -10.99
#